data_8IXS
#
_entry.id   8IXS
#
_cell.length_a   103.589
_cell.length_b   103.589
_cell.length_c   55.190
_cell.angle_alpha   90.000
_cell.angle_beta   90.000
_cell.angle_gamma   120.000
#
_symmetry.space_group_name_H-M   'P 61'
#
loop_
_entity.id
_entity.type
_entity.pdbx_description
1 polymer 'Kelch-like ECH-associated protein 1'
2 non-polymer '(2R,3S)-3-[[(2S)-2-fluoranyl-2-(5,6,7,8-tetrahydronaphthalen-2-yl)ethanoyl]amino]-2-methyl-3-(4-methylphenyl)propanoic acid'
3 non-polymer 'SULFATE ION'
4 water water
#
_entity_poly.entity_id   1
_entity_poly.type   'polypeptide(L)'
_entity_poly.pdbx_seq_one_letter_code
;LHKPTQVMPCRAPKVGRLIYTAGGYFRQSLSYLEAYNPSDGTWLRLADLQVPRSGLAGCVVGGLLYAVGGRNNSPDGNTD
SSALDCYNPMTNQWSPCAPMSVPRNRIGVGVIDGHIYAVGGSHGCIHHNSVERYEPERDEWHLVAPMLTRRIGVGVAVLN
RLLYAVGGFDGTNRLNSAECYYPERNEWRMITAMNTIRSGAGVCVLHNCIYAAGGYDGQDQLNSVERYDVETETWTFVAP
MKHRRSALGITVHQGRIYVLGGYDGHTFLDSVECYDPDTDTWSEVTRMTSGRSGVGVAVTMEPCRKQIDQQNCTC
;
_entity_poly.pdbx_strand_id   A
#
loop_
_chem_comp.id
_chem_comp.type
_chem_comp.name
_chem_comp.formula
SO4 non-polymer 'SULFATE ION' 'O4 S -2'
T6I non-polymer '(2R,3S)-3-[[(2S)-2-fluoranyl-2-(5,6,7,8-tetrahydronaphthalen-2-yl)ethanoyl]amino]-2-methyl-3-(4-methylphenyl)propanoic acid' 'C23 H26 F N O3'
#
# COMPACT_ATOMS: atom_id res chain seq x y z
N ALA A 12 6.85 -8.60 19.90
CA ALA A 12 6.73 -8.00 18.57
C ALA A 12 7.03 -6.49 18.52
N PRO A 13 6.45 -5.69 19.42
CA PRO A 13 6.78 -4.26 19.43
C PRO A 13 8.21 -4.02 19.86
N LYS A 14 8.78 -2.91 19.40
CA LYS A 14 10.11 -2.50 19.79
C LYS A 14 10.25 -1.00 19.60
N VAL A 15 11.20 -0.41 20.31
CA VAL A 15 11.38 1.03 20.30
C VAL A 15 12.09 1.47 19.02
N GLY A 16 11.87 2.73 18.66
CA GLY A 16 12.63 3.34 17.59
C GLY A 16 12.13 3.10 16.19
N ARG A 17 10.89 2.66 16.02
CA ARG A 17 10.33 2.41 14.70
C ARG A 17 9.57 3.64 14.22
N LEU A 18 9.72 3.93 12.92
CA LEU A 18 9.10 5.09 12.30
C LEU A 18 8.20 4.65 11.17
N ILE A 19 7.24 5.51 10.84
CA ILE A 19 6.37 5.32 9.68
C ILE A 19 6.99 6.06 8.50
N TYR A 20 7.49 5.31 7.52
CA TYR A 20 8.13 5.88 6.34
C TYR A 20 7.11 6.06 5.23
N THR A 21 7.12 7.23 4.59
CA THR A 21 6.30 7.48 3.42
C THR A 21 7.19 7.88 2.25
N ALA A 22 7.04 7.17 1.13
CA ALA A 22 7.89 7.35 -0.03
C ALA A 22 7.05 7.75 -1.25
N GLY A 23 7.56 8.71 -2.01
CA GLY A 23 6.93 9.08 -3.26
C GLY A 23 5.60 9.78 -3.06
N GLY A 24 4.74 9.67 -4.05
CA GLY A 24 3.43 10.27 -4.03
C GLY A 24 3.20 11.17 -5.23
N TYR A 25 2.05 11.85 -5.21
CA TYR A 25 1.66 12.72 -6.31
C TYR A 25 1.07 14.02 -5.78
N PHE A 26 1.56 15.12 -6.32
CA PHE A 26 0.91 16.43 -6.18
C PHE A 26 1.43 17.28 -7.34
N ARG A 27 0.57 17.51 -8.34
CA ARG A 27 0.93 18.18 -9.59
C ARG A 27 1.85 17.33 -10.45
N GLN A 28 2.77 16.61 -9.82
CA GLN A 28 3.63 15.65 -10.50
C GLN A 28 4.03 14.58 -9.49
N SER A 29 4.60 13.48 -9.99
CA SER A 29 5.11 12.44 -9.11
C SER A 29 6.26 12.99 -8.28
N LEU A 30 6.38 12.49 -7.05
CA LEU A 30 7.26 13.08 -6.05
C LEU A 30 8.38 12.11 -5.68
N SER A 31 9.49 12.69 -5.21
CA SER A 31 10.67 11.91 -4.80
C SER A 31 10.83 11.86 -3.28
N TYR A 32 9.87 12.35 -2.52
CA TYR A 32 10.05 12.50 -1.07
C TYR A 32 10.19 11.16 -0.38
N LEU A 33 11.09 11.11 0.59
CA LEU A 33 11.10 10.07 1.62
C LEU A 33 11.09 10.77 2.96
N GLU A 34 10.03 10.58 3.73
CA GLU A 34 9.87 11.22 5.02
C GLU A 34 9.40 10.18 6.03
N ALA A 35 9.81 10.34 7.29
CA ALA A 35 9.53 9.35 8.32
C ALA A 35 8.94 10.04 9.54
N TYR A 36 7.80 9.53 9.99
CA TYR A 36 7.08 10.08 11.13
C TYR A 36 7.35 9.23 12.36
N ASN A 37 7.60 9.90 13.50
CA ASN A 37 7.84 9.24 14.76
C ASN A 37 6.62 9.44 15.66
N PRO A 38 5.78 8.42 15.84
CA PRO A 38 4.61 8.58 16.73
C PRO A 38 4.96 8.90 18.16
N SER A 39 6.20 8.62 18.59
CA SER A 39 6.59 8.86 19.98
C SER A 39 6.84 10.33 20.29
N ASP A 40 7.13 11.15 19.28
CA ASP A 40 7.31 12.58 19.53
C ASP A 40 6.64 13.49 18.50
N GLY A 41 5.92 12.94 17.53
CA GLY A 41 5.20 13.76 16.56
C GLY A 41 6.06 14.43 15.52
N THR A 42 7.33 14.05 15.39
CA THR A 42 8.23 14.72 14.46
C THR A 42 8.28 13.98 13.13
N TRP A 43 8.59 14.75 12.08
CA TRP A 43 8.86 14.21 10.76
C TRP A 43 10.32 14.42 10.42
N LEU A 44 10.94 13.41 9.82
CA LEU A 44 12.32 13.49 9.35
C LEU A 44 12.31 13.46 7.83
N ARG A 45 13.09 14.36 7.22
CA ARG A 45 13.26 14.39 5.78
C ARG A 45 14.51 13.57 5.44
N LEU A 46 14.33 12.51 4.65
CA LEU A 46 15.41 11.59 4.34
C LEU A 46 15.76 11.68 2.85
N ALA A 47 16.62 10.78 2.40
CA ALA A 47 17.15 10.83 1.05
C ALA A 47 16.03 10.66 0.02
N ASP A 48 16.00 11.55 -0.96
CA ASP A 48 15.01 11.46 -2.03
C ASP A 48 15.19 10.18 -2.83
N LEU A 49 14.07 9.66 -3.35
CA LEU A 49 14.12 8.59 -4.34
C LEU A 49 14.96 9.04 -5.53
N GLN A 50 15.61 8.07 -6.17
CA GLN A 50 16.39 8.38 -7.37
C GLN A 50 15.50 8.81 -8.53
N VAL A 51 14.30 8.24 -8.61
CA VAL A 51 13.34 8.57 -9.66
C VAL A 51 12.01 8.88 -8.98
N PRO A 52 11.34 9.99 -9.29
CA PRO A 52 10.04 10.26 -8.69
C PRO A 52 9.03 9.20 -9.08
N ARG A 53 8.11 8.90 -8.16
CA ARG A 53 7.13 7.87 -8.45
C ARG A 53 5.89 8.07 -7.58
N SER A 54 4.73 7.91 -8.20
CA SER A 54 3.45 7.82 -7.53
C SER A 54 2.84 6.46 -7.85
N GLY A 55 1.83 6.06 -7.07
CA GLY A 55 1.23 4.77 -7.31
C GLY A 55 2.12 3.60 -7.00
N LEU A 56 3.16 3.81 -6.19
CA LEU A 56 4.07 2.76 -5.78
C LEU A 56 3.57 2.11 -4.50
N ALA A 57 4.26 1.05 -4.09
CA ALA A 57 4.03 0.44 -2.80
C ALA A 57 5.33 0.35 -2.03
N GLY A 58 5.22 0.38 -0.71
CA GLY A 58 6.37 0.23 0.16
C GLY A 58 6.21 -1.01 1.02
N CYS A 59 7.35 -1.60 1.39
CA CYS A 59 7.36 -2.74 2.29
C CYS A 59 8.75 -2.85 2.90
N VAL A 60 8.87 -3.73 3.89
CA VAL A 60 10.11 -3.89 4.64
C VAL A 60 10.46 -5.37 4.71
N VAL A 61 11.71 -5.70 4.40
CA VAL A 61 12.26 -7.04 4.60
C VAL A 61 13.63 -6.89 5.24
N GLY A 62 13.83 -7.56 6.37
CA GLY A 62 15.13 -7.50 7.04
C GLY A 62 15.57 -6.11 7.42
N GLY A 63 14.64 -5.25 7.83
CA GLY A 63 14.95 -3.90 8.22
C GLY A 63 15.18 -2.93 7.09
N LEU A 64 15.14 -3.39 5.84
CA LEU A 64 15.35 -2.54 4.68
C LEU A 64 14.00 -2.16 4.07
N LEU A 65 13.89 -0.91 3.65
CA LEU A 65 12.66 -0.39 3.05
C LEU A 65 12.75 -0.51 1.53
N TYR A 66 11.72 -1.08 0.92
CA TYR A 66 11.66 -1.26 -0.53
C TYR A 66 10.54 -0.42 -1.12
N ALA A 67 10.86 0.26 -2.22
CA ALA A 67 9.88 0.98 -3.04
C ALA A 67 9.69 0.22 -4.34
N VAL A 68 8.44 -0.12 -4.65
CA VAL A 68 8.13 -1.07 -5.70
C VAL A 68 7.16 -0.43 -6.70
N GLY A 69 7.56 -0.42 -7.97
CA GLY A 69 6.65 -0.02 -9.03
C GLY A 69 6.27 1.45 -8.98
N GLY A 70 5.08 1.74 -9.51
CA GLY A 70 4.60 3.10 -9.61
C GLY A 70 4.69 3.66 -11.02
N ARG A 71 4.71 4.98 -11.09
CA ARG A 71 4.79 5.69 -12.36
C ARG A 71 5.38 7.07 -12.08
N ASN A 72 6.22 7.54 -13.01
CA ASN A 72 6.75 8.90 -12.95
C ASN A 72 5.89 9.78 -13.85
N ASN A 73 4.95 10.50 -13.25
N ASN A 73 4.98 10.54 -13.25
CA ASN A 73 4.20 11.54 -13.93
CA ASN A 73 4.18 11.52 -13.96
C ASN A 73 4.99 12.84 -13.81
C ASN A 73 4.91 12.86 -13.84
N SER A 74 5.61 13.24 -14.90
CA SER A 74 6.43 14.45 -14.94
C SER A 74 5.97 15.33 -16.09
N PRO A 75 6.38 16.61 -16.10
CA PRO A 75 6.09 17.45 -17.27
C PRO A 75 6.72 16.96 -18.57
N ASP A 76 7.65 16.01 -18.51
CA ASP A 76 8.30 15.48 -19.69
C ASP A 76 7.76 14.12 -20.13
N GLY A 77 6.73 13.62 -19.47
CA GLY A 77 6.11 12.37 -19.88
C GLY A 77 5.61 11.59 -18.68
N ASN A 78 4.98 10.45 -18.99
CA ASN A 78 4.46 9.53 -17.99
C ASN A 78 5.07 8.16 -18.25
N THR A 79 5.82 7.65 -17.29
CA THR A 79 6.57 6.40 -17.45
C THR A 79 6.21 5.45 -16.31
N ASP A 80 5.56 4.34 -16.65
CA ASP A 80 5.28 3.31 -15.64
C ASP A 80 6.58 2.63 -15.23
N SER A 81 6.66 2.26 -13.95
CA SER A 81 7.90 1.81 -13.36
C SER A 81 7.87 0.31 -13.11
N SER A 82 8.94 -0.37 -13.52
CA SER A 82 9.21 -1.74 -13.11
C SER A 82 10.25 -1.80 -11.99
N ALA A 83 10.60 -0.65 -11.42
CA ALA A 83 11.77 -0.57 -10.56
C ALA A 83 11.49 -1.12 -9.17
N LEU A 84 12.53 -1.71 -8.59
CA LEU A 84 12.59 -2.04 -7.18
C LEU A 84 13.81 -1.36 -6.60
N ASP A 85 13.62 -0.57 -5.55
CA ASP A 85 14.69 0.19 -4.94
C ASP A 85 14.66 -0.02 -3.44
N CYS A 86 15.84 -0.03 -2.84
CA CYS A 86 16.01 -0.43 -1.45
C CYS A 86 16.67 0.70 -0.67
N TYR A 87 16.02 1.13 0.41
CA TYR A 87 16.54 2.18 1.28
C TYR A 87 17.04 1.54 2.58
N ASN A 88 18.29 1.84 2.93
CA ASN A 88 18.87 1.33 4.17
C ASN A 88 18.89 2.46 5.18
N PRO A 89 18.11 2.38 6.26
CA PRO A 89 18.16 3.45 7.28
C PRO A 89 19.53 3.64 7.91
N MET A 90 20.36 2.60 7.93
CA MET A 90 21.68 2.72 8.52
C MET A 90 22.62 3.59 7.69
N THR A 91 22.32 3.78 6.41
CA THR A 91 23.16 4.59 5.53
C THR A 91 22.44 5.80 4.93
N ASN A 92 21.11 5.87 5.02
CA ASN A 92 20.33 6.94 4.40
C ASN A 92 20.58 6.99 2.88
N GLN A 93 20.66 5.82 2.26
CA GLN A 93 20.95 5.72 0.84
C GLN A 93 19.99 4.73 0.18
N TRP A 94 19.60 5.06 -1.05
CA TRP A 94 18.81 4.17 -1.89
C TRP A 94 19.74 3.38 -2.81
N SER A 95 19.41 2.11 -3.03
CA SER A 95 20.18 1.24 -3.90
C SER A 95 19.23 0.54 -4.86
N PRO A 96 19.51 0.54 -6.16
CA PRO A 96 18.65 -0.18 -7.10
C PRO A 96 18.77 -1.68 -6.92
N CYS A 97 17.66 -2.36 -7.17
CA CYS A 97 17.59 -3.82 -7.17
C CYS A 97 17.14 -4.30 -8.56
N ALA A 98 17.06 -5.61 -8.72
CA ALA A 98 16.59 -6.17 -9.97
C ALA A 98 15.16 -5.69 -10.25
N PRO A 99 14.86 -5.29 -11.48
CA PRO A 99 13.51 -4.80 -11.78
C PRO A 99 12.53 -5.96 -11.98
N MET A 100 11.25 -5.62 -11.82
CA MET A 100 10.19 -6.56 -12.11
C MET A 100 10.13 -6.86 -13.60
N SER A 101 9.38 -7.92 -13.94
CA SER A 101 9.26 -8.35 -15.32
C SER A 101 8.45 -7.37 -16.17
N VAL A 102 7.67 -6.51 -15.54
CA VAL A 102 6.72 -5.64 -16.24
C VAL A 102 6.54 -4.38 -15.41
N PRO A 103 6.32 -3.22 -16.01
CA PRO A 103 5.97 -2.03 -15.22
C PRO A 103 4.62 -2.24 -14.54
N ARG A 104 4.51 -1.74 -13.30
CA ARG A 104 3.29 -1.89 -12.51
C ARG A 104 3.02 -0.58 -11.76
N ASN A 105 2.12 0.23 -12.32
CA ASN A 105 1.63 1.42 -11.64
C ASN A 105 0.38 1.06 -10.84
N ARG A 106 0.18 1.76 -9.72
CA ARG A 106 -0.97 1.49 -8.84
C ARG A 106 -0.96 0.04 -8.38
N ILE A 107 0.19 -0.35 -7.83
CA ILE A 107 0.52 -1.71 -7.47
C ILE A 107 0.17 -1.94 -6.00
N GLY A 108 0.05 -3.20 -5.62
CA GLY A 108 0.05 -3.58 -4.22
C GLY A 108 1.11 -4.63 -3.99
N VAL A 109 1.67 -4.62 -2.77
CA VAL A 109 2.73 -5.56 -2.42
C VAL A 109 2.45 -6.17 -1.05
N GLY A 110 2.97 -7.38 -0.86
CA GLY A 110 2.92 -8.04 0.44
C GLY A 110 4.14 -8.89 0.63
N VAL A 111 4.57 -9.05 1.88
CA VAL A 111 5.76 -9.81 2.23
C VAL A 111 5.33 -11.09 2.92
N ILE A 112 5.82 -12.22 2.41
CA ILE A 112 5.63 -13.52 3.04
C ILE A 112 6.99 -14.21 3.10
N ASP A 113 7.39 -14.64 4.31
CA ASP A 113 8.62 -15.40 4.50
C ASP A 113 9.82 -14.72 3.85
N GLY A 114 9.91 -13.40 4.02
CA GLY A 114 11.03 -12.65 3.49
C GLY A 114 11.04 -12.45 2.00
N HIS A 115 9.93 -12.70 1.32
CA HIS A 115 9.83 -12.50 -0.12
C HIS A 115 8.77 -11.45 -0.41
N ILE A 116 9.01 -10.62 -1.42
CA ILE A 116 8.10 -9.53 -1.78
C ILE A 116 7.24 -10.01 -2.94
N TYR A 117 5.92 -9.96 -2.75
CA TYR A 117 4.98 -10.25 -3.83
C TYR A 117 4.49 -8.93 -4.42
N ALA A 118 4.66 -8.76 -5.72
CA ALA A 118 4.15 -7.60 -6.44
C ALA A 118 2.90 -8.02 -7.21
N VAL A 119 1.80 -7.31 -6.99
CA VAL A 119 0.47 -7.76 -7.38
C VAL A 119 -0.17 -6.73 -8.29
N GLY A 120 -0.56 -7.17 -9.50
CA GLY A 120 -1.44 -6.37 -10.32
C GLY A 120 -0.79 -5.08 -10.82
N GLY A 121 -1.60 -4.03 -10.86
CA GLY A 121 -1.13 -2.75 -11.37
C GLY A 121 -1.41 -2.59 -12.85
N SER A 122 -1.04 -1.41 -13.36
CA SER A 122 -1.30 -1.05 -14.74
C SER A 122 0.00 -0.72 -15.47
N HIS A 123 -0.05 -0.90 -16.80
CA HIS A 123 1.02 -0.48 -17.70
C HIS A 123 0.31 0.07 -18.92
N GLY A 124 0.25 1.40 -19.04
CA GLY A 124 -0.59 1.99 -20.07
C GLY A 124 -2.03 1.54 -19.86
N CYS A 125 -2.66 1.10 -20.95
CA CYS A 125 -4.02 0.59 -20.87
C CYS A 125 -4.10 -0.87 -20.46
N ILE A 126 -2.98 -1.51 -20.16
CA ILE A 126 -2.98 -2.91 -19.74
C ILE A 126 -3.26 -2.98 -18.24
N HIS A 127 -4.21 -3.82 -17.85
CA HIS A 127 -4.55 -4.04 -16.45
C HIS A 127 -4.06 -5.44 -16.07
N HIS A 128 -3.08 -5.50 -15.18
CA HIS A 128 -2.43 -6.76 -14.87
C HIS A 128 -3.28 -7.59 -13.92
N ASN A 129 -3.38 -8.89 -14.21
CA ASN A 129 -3.67 -9.87 -13.17
C ASN A 129 -2.43 -10.64 -12.75
N SER A 130 -1.29 -10.41 -13.42
CA SER A 130 -0.08 -11.15 -13.11
C SER A 130 0.49 -10.74 -11.74
N VAL A 131 1.28 -11.65 -11.17
CA VAL A 131 1.89 -11.50 -9.86
C VAL A 131 3.30 -12.05 -9.96
N GLU A 132 4.25 -11.42 -9.28
CA GLU A 132 5.61 -11.93 -9.24
C GLU A 132 6.20 -11.77 -7.85
N ARG A 133 7.25 -12.54 -7.58
CA ARG A 133 7.83 -12.65 -6.24
C ARG A 133 9.32 -12.38 -6.30
N TYR A 134 9.80 -11.56 -5.36
CA TYR A 134 11.20 -11.15 -5.31
C TYR A 134 11.90 -11.87 -4.16
N GLU A 135 13.09 -12.39 -4.45
CA GLU A 135 13.93 -13.06 -3.46
C GLU A 135 15.12 -12.14 -3.16
N PRO A 136 15.15 -11.49 -1.99
CA PRO A 136 16.22 -10.51 -1.73
C PRO A 136 17.62 -11.12 -1.70
N GLU A 137 17.78 -12.32 -1.13
CA GLU A 137 19.11 -12.91 -1.01
C GLU A 137 19.70 -13.25 -2.37
N ARG A 138 18.86 -13.50 -3.37
CA ARG A 138 19.30 -13.80 -4.72
C ARG A 138 19.12 -12.65 -5.69
N ASP A 139 18.39 -11.59 -5.30
CA ASP A 139 18.13 -10.44 -6.16
C ASP A 139 17.49 -10.87 -7.48
N GLU A 140 16.41 -11.64 -7.37
CA GLU A 140 15.74 -12.20 -8.54
C GLU A 140 14.23 -12.12 -8.36
N TRP A 141 13.54 -11.79 -9.44
CA TRP A 141 12.09 -11.88 -9.52
C TRP A 141 11.70 -13.12 -10.31
N HIS A 142 10.58 -13.72 -9.92
CA HIS A 142 10.01 -14.84 -10.64
C HIS A 142 8.49 -14.74 -10.61
N LEU A 143 7.85 -15.10 -11.72
CA LEU A 143 6.40 -15.05 -11.79
C LEU A 143 5.79 -16.15 -10.94
N VAL A 144 4.64 -15.86 -10.36
CA VAL A 144 3.83 -16.87 -9.70
C VAL A 144 2.46 -16.87 -10.36
N ALA A 145 1.51 -17.63 -9.81
CA ALA A 145 0.21 -17.76 -10.44
C ALA A 145 -0.47 -16.39 -10.52
N PRO A 146 -1.10 -16.07 -11.64
CA PRO A 146 -1.83 -14.80 -11.75
C PRO A 146 -3.14 -14.85 -10.98
N MET A 147 -3.61 -13.65 -10.61
CA MET A 147 -4.88 -13.53 -9.94
C MET A 147 -6.03 -13.95 -10.85
N LEU A 148 -7.18 -14.22 -10.23
CA LEU A 148 -8.39 -14.52 -10.99
C LEU A 148 -8.98 -13.27 -11.64
N THR A 149 -8.55 -12.09 -11.20
CA THR A 149 -9.12 -10.83 -11.64
C THR A 149 -7.99 -9.86 -11.92
N ARG A 150 -8.13 -9.08 -12.99
CA ARG A 150 -7.21 -7.99 -13.25
C ARG A 150 -7.52 -6.84 -12.29
N ARG A 151 -6.51 -6.33 -11.61
CA ARG A 151 -6.71 -5.37 -10.53
C ARG A 151 -5.62 -4.31 -10.57
N ILE A 152 -5.98 -3.07 -10.87
CA ILE A 152 -5.12 -1.92 -10.65
C ILE A 152 -5.68 -1.13 -9.48
N GLY A 153 -4.82 -0.42 -8.77
CA GLY A 153 -5.26 0.23 -7.55
C GLY A 153 -5.68 -0.77 -6.50
N VAL A 154 -5.01 -1.92 -6.46
CA VAL A 154 -5.36 -3.03 -5.60
C VAL A 154 -4.71 -2.86 -4.25
N GLY A 155 -5.44 -3.19 -3.19
CA GLY A 155 -4.89 -3.22 -1.85
C GLY A 155 -4.46 -4.63 -1.50
N VAL A 156 -3.27 -4.75 -0.92
CA VAL A 156 -2.67 -6.05 -0.63
C VAL A 156 -2.26 -6.10 0.83
N ALA A 157 -2.52 -7.23 1.47
CA ALA A 157 -2.09 -7.43 2.84
C ALA A 157 -1.81 -8.91 3.06
N VAL A 158 -1.03 -9.19 4.10
CA VAL A 158 -0.62 -10.56 4.44
C VAL A 158 -1.07 -10.85 5.86
N LEU A 159 -1.75 -11.99 6.03
CA LEU A 159 -2.16 -12.44 7.35
C LEU A 159 -1.99 -13.94 7.40
N ASN A 160 -1.28 -14.43 8.42
CA ASN A 160 -1.10 -15.87 8.61
C ASN A 160 -0.44 -16.51 7.39
N ARG A 161 0.53 -15.82 6.81
N ARG A 161 0.54 -15.81 6.81
CA ARG A 161 1.29 -16.30 5.65
CA ARG A 161 1.29 -16.31 5.65
C ARG A 161 0.39 -16.58 4.45
C ARG A 161 0.43 -16.54 4.42
N LEU A 162 -0.70 -15.83 4.33
CA LEU A 162 -1.56 -15.85 3.15
C LEU A 162 -1.66 -14.43 2.62
N LEU A 163 -1.73 -14.30 1.30
CA LEU A 163 -1.68 -13.01 0.62
C LEU A 163 -3.07 -12.65 0.09
N TYR A 164 -3.55 -11.45 0.42
CA TYR A 164 -4.87 -11.00 0.03
C TYR A 164 -4.77 -9.83 -0.94
N ALA A 165 -5.56 -9.88 -2.01
CA ALA A 165 -5.69 -8.79 -2.96
C ALA A 165 -7.13 -8.32 -2.92
N VAL A 166 -7.33 -7.04 -2.64
CA VAL A 166 -8.63 -6.51 -2.22
C VAL A 166 -9.01 -5.34 -3.14
N GLY A 167 -10.16 -5.48 -3.81
CA GLY A 167 -10.71 -4.39 -4.60
C GLY A 167 -9.87 -4.06 -5.83
N GLY A 168 -9.93 -2.80 -6.22
CA GLY A 168 -9.21 -2.31 -7.37
C GLY A 168 -10.12 -1.96 -8.53
N PHE A 169 -9.53 -1.91 -9.71
CA PHE A 169 -10.19 -1.52 -10.95
C PHE A 169 -9.69 -2.45 -12.04
N ASP A 170 -10.61 -3.05 -12.79
CA ASP A 170 -10.24 -4.00 -13.83
C ASP A 170 -10.18 -3.37 -15.22
N GLY A 171 -10.30 -2.05 -15.31
CA GLY A 171 -10.36 -1.35 -16.57
C GLY A 171 -11.75 -0.96 -17.00
N THR A 172 -12.77 -1.66 -16.52
CA THR A 172 -14.15 -1.33 -16.81
C THR A 172 -14.95 -1.01 -15.56
N ASN A 173 -14.80 -1.79 -14.50
CA ASN A 173 -15.54 -1.58 -13.26
C ASN A 173 -14.58 -1.55 -12.09
N ARG A 174 -14.86 -0.68 -11.13
CA ARG A 174 -14.23 -0.78 -9.82
C ARG A 174 -14.83 -1.97 -9.08
N LEU A 175 -14.04 -2.56 -8.19
CA LEU A 175 -14.31 -3.90 -7.67
C LEU A 175 -14.58 -3.88 -6.18
N ASN A 176 -15.58 -4.65 -5.77
CA ASN A 176 -15.73 -5.03 -4.37
C ASN A 176 -15.20 -6.42 -4.08
N SER A 177 -14.75 -7.14 -5.11
CA SER A 177 -14.28 -8.50 -4.93
C SER A 177 -12.88 -8.52 -4.30
N ALA A 178 -12.52 -9.69 -3.78
CA ALA A 178 -11.22 -9.88 -3.17
C ALA A 178 -10.85 -11.35 -3.31
N GLU A 179 -9.55 -11.63 -3.26
CA GLU A 179 -9.06 -12.98 -3.44
C GLU A 179 -7.82 -13.21 -2.60
N CYS A 180 -7.52 -14.50 -2.39
CA CYS A 180 -6.44 -14.91 -1.50
C CYS A 180 -5.51 -15.86 -2.23
N TYR A 181 -4.21 -15.67 -2.03
CA TYR A 181 -3.18 -16.50 -2.62
C TYR A 181 -2.63 -17.45 -1.57
N TYR A 182 -2.61 -18.74 -1.89
CA TYR A 182 -2.15 -19.79 -0.98
C TYR A 182 -0.81 -20.30 -1.50
N PRO A 183 0.31 -19.92 -0.89
CA PRO A 183 1.62 -20.15 -1.54
C PRO A 183 1.95 -21.61 -1.77
N GLU A 184 1.60 -22.50 -0.83
CA GLU A 184 1.93 -23.91 -0.99
C GLU A 184 1.16 -24.56 -2.13
N ARG A 185 0.10 -23.93 -2.61
CA ARG A 185 -0.64 -24.41 -3.77
C ARG A 185 -0.40 -23.58 -5.01
N ASN A 186 0.29 -22.44 -4.89
CA ASN A 186 0.45 -21.47 -5.98
C ASN A 186 -0.89 -21.22 -6.67
N GLU A 187 -1.89 -20.87 -5.88
CA GLU A 187 -3.27 -20.80 -6.33
C GLU A 187 -3.97 -19.61 -5.69
N TRP A 188 -4.79 -18.93 -6.48
CA TRP A 188 -5.66 -17.87 -5.99
C TRP A 188 -7.09 -18.40 -5.90
N ARG A 189 -7.80 -17.98 -4.85
CA ARG A 189 -9.21 -18.29 -4.68
C ARG A 189 -9.93 -17.03 -4.24
N MET A 190 -11.14 -16.84 -4.76
CA MET A 190 -11.95 -15.69 -4.34
C MET A 190 -12.36 -15.85 -2.88
N ILE A 191 -12.40 -14.74 -2.16
CA ILE A 191 -12.99 -14.72 -0.83
C ILE A 191 -14.29 -13.95 -0.89
N THR A 192 -14.97 -13.83 0.25
CA THR A 192 -16.19 -13.04 0.32
C THR A 192 -15.93 -11.63 -0.19
N ALA A 193 -16.86 -11.11 -0.99
CA ALA A 193 -16.72 -9.77 -1.51
C ALA A 193 -17.02 -8.73 -0.42
N MET A 194 -16.36 -7.59 -0.53
CA MET A 194 -16.59 -6.49 0.40
C MET A 194 -18.02 -5.97 0.28
N ASN A 195 -18.46 -5.26 1.32
CA ASN A 195 -19.75 -4.59 1.27
C ASN A 195 -19.73 -3.38 0.35
N THR A 196 -18.55 -2.86 0.02
CA THR A 196 -18.41 -1.63 -0.74
C THR A 196 -17.41 -1.83 -1.86
N ILE A 197 -17.73 -1.31 -3.04
CA ILE A 197 -16.78 -1.24 -4.14
C ILE A 197 -15.68 -0.27 -3.78
N ARG A 198 -14.42 -0.70 -3.88
CA ARG A 198 -13.28 0.12 -3.46
C ARG A 198 -12.10 -0.06 -4.40
N SER A 199 -11.71 1.03 -5.08
N SER A 199 -11.75 1.01 -5.11
CA SER A 199 -10.47 1.07 -5.83
CA SER A 199 -10.48 1.10 -5.80
C SER A 199 -9.57 2.13 -5.19
C SER A 199 -9.61 2.08 -5.05
N GLY A 200 -8.32 1.76 -4.92
CA GLY A 200 -7.42 2.66 -4.23
C GLY A 200 -7.63 2.74 -2.74
N ALA A 201 -8.18 1.69 -2.13
CA ALA A 201 -8.35 1.67 -0.69
C ALA A 201 -7.01 1.40 -0.01
N GLY A 202 -6.91 1.83 1.24
CA GLY A 202 -5.81 1.43 2.09
C GLY A 202 -6.12 0.08 2.70
N VAL A 203 -5.25 -0.91 2.50
CA VAL A 203 -5.47 -2.27 2.96
C VAL A 203 -4.32 -2.67 3.87
N CYS A 204 -4.66 -3.20 5.04
CA CYS A 204 -3.68 -3.62 6.02
C CYS A 204 -4.28 -4.74 6.87
N VAL A 205 -3.48 -5.24 7.81
N VAL A 205 -3.46 -5.28 7.77
CA VAL A 205 -3.86 -6.34 8.68
CA VAL A 205 -3.88 -6.34 8.67
C VAL A 205 -3.71 -5.90 10.12
C VAL A 205 -3.74 -5.85 10.11
N LEU A 206 -4.73 -6.17 10.93
CA LEU A 206 -4.69 -5.84 12.35
C LEU A 206 -5.41 -6.96 13.08
N HIS A 207 -4.68 -7.64 13.97
CA HIS A 207 -5.17 -8.82 14.68
C HIS A 207 -5.51 -9.88 13.64
N ASN A 208 -6.75 -10.38 13.57
CA ASN A 208 -7.11 -11.45 12.65
C ASN A 208 -7.96 -10.95 11.49
N CYS A 209 -7.86 -9.66 11.15
CA CYS A 209 -8.72 -9.06 10.16
C CYS A 209 -7.93 -8.30 9.10
N ILE A 210 -8.44 -8.35 7.88
CA ILE A 210 -7.96 -7.51 6.78
C ILE A 210 -8.84 -6.27 6.74
N TYR A 211 -8.25 -5.10 6.89
CA TYR A 211 -8.98 -3.84 6.83
C TYR A 211 -8.88 -3.23 5.44
N ALA A 212 -9.99 -2.65 4.99
CA ALA A 212 -10.03 -1.86 3.77
C ALA A 212 -10.61 -0.50 4.14
N ALA A 213 -9.80 0.55 4.02
CA ALA A 213 -10.18 1.89 4.46
C ALA A 213 -10.24 2.81 3.25
N GLY A 214 -11.37 3.53 3.12
CA GLY A 214 -11.49 4.50 2.06
C GLY A 214 -11.51 3.87 0.68
N GLY A 215 -11.02 4.61 -0.29
CA GLY A 215 -11.04 4.19 -1.67
C GLY A 215 -12.05 4.96 -2.49
N TYR A 216 -12.36 4.41 -3.66
CA TYR A 216 -13.15 5.08 -4.67
C TYR A 216 -14.09 4.06 -5.30
N ASP A 217 -15.39 4.36 -5.30
CA ASP A 217 -16.39 3.43 -5.81
C ASP A 217 -16.82 3.73 -7.24
N GLY A 218 -16.07 4.56 -7.96
CA GLY A 218 -16.44 4.99 -9.28
C GLY A 218 -17.20 6.29 -9.33
N GLN A 219 -17.65 6.81 -8.19
CA GLN A 219 -18.37 8.07 -8.14
C GLN A 219 -17.81 8.97 -7.04
N ASP A 220 -17.60 8.41 -5.85
CA ASP A 220 -17.18 9.18 -4.70
C ASP A 220 -15.99 8.52 -4.02
N GLN A 221 -15.12 9.36 -3.46
CA GLN A 221 -14.12 8.86 -2.51
C GLN A 221 -14.81 8.60 -1.18
N LEU A 222 -14.30 7.60 -0.46
CA LEU A 222 -15.01 7.02 0.67
C LEU A 222 -14.30 7.33 1.98
N ASN A 223 -15.10 7.47 3.04
CA ASN A 223 -14.58 7.47 4.41
C ASN A 223 -14.88 6.19 5.15
N SER A 224 -15.68 5.30 4.59
CA SER A 224 -16.05 4.07 5.29
C SER A 224 -14.87 3.12 5.35
N VAL A 225 -14.90 2.25 6.36
CA VAL A 225 -13.83 1.28 6.62
C VAL A 225 -14.50 -0.03 6.98
N GLU A 226 -14.04 -1.13 6.38
CA GLU A 226 -14.57 -2.44 6.70
C GLU A 226 -13.44 -3.43 6.89
N ARG A 227 -13.71 -4.50 7.62
CA ARG A 227 -12.69 -5.49 7.93
C ARG A 227 -13.21 -6.90 7.69
N TYR A 228 -12.33 -7.73 7.15
CA TYR A 228 -12.63 -9.12 6.83
C TYR A 228 -12.01 -10.01 7.90
N ASP A 229 -12.86 -10.72 8.64
CA ASP A 229 -12.39 -11.69 9.63
C ASP A 229 -12.10 -13.00 8.89
N VAL A 230 -10.83 -13.41 8.88
CA VAL A 230 -10.45 -14.57 8.09
C VAL A 230 -11.05 -15.86 8.63
N GLU A 231 -11.48 -15.86 9.90
CA GLU A 231 -12.12 -17.04 10.48
C GLU A 231 -13.59 -17.12 10.07
N THR A 232 -14.34 -16.03 10.25
CA THR A 232 -15.77 -16.05 9.95
C THR A 232 -16.06 -15.78 8.49
N GLU A 233 -15.08 -15.25 7.74
CA GLU A 233 -15.23 -14.97 6.30
C GLU A 233 -16.28 -13.90 6.01
N THR A 234 -16.45 -12.96 6.95
N THR A 234 -16.47 -12.97 6.94
CA THR A 234 -17.42 -11.88 6.81
CA THR A 234 -17.42 -11.89 6.72
C THR A 234 -16.72 -10.52 6.83
C THR A 234 -16.68 -10.55 6.74
N TRP A 235 -17.32 -9.55 6.14
CA TRP A 235 -16.84 -8.17 6.15
C TRP A 235 -17.77 -7.37 7.03
N THR A 236 -17.19 -6.58 7.94
CA THR A 236 -17.96 -5.78 8.90
C THR A 236 -17.44 -4.35 8.86
N PHE A 237 -18.35 -3.38 8.80
CA PHE A 237 -17.94 -1.99 8.88
C PHE A 237 -17.50 -1.64 10.29
N VAL A 238 -16.46 -0.83 10.39
CA VAL A 238 -16.04 -0.24 11.66
C VAL A 238 -16.30 1.26 11.58
N ALA A 239 -15.84 2.01 12.58
CA ALA A 239 -16.04 3.45 12.55
C ALA A 239 -15.40 4.04 11.29
N PRO A 240 -16.06 4.98 10.63
CA PRO A 240 -15.48 5.59 9.44
C PRO A 240 -14.40 6.59 9.80
N MET A 241 -13.48 6.81 8.86
CA MET A 241 -12.50 7.86 9.01
C MET A 241 -13.18 9.22 9.04
N LYS A 242 -12.50 10.20 9.62
CA LYS A 242 -13.04 11.55 9.63
C LYS A 242 -13.03 12.17 8.24
N HIS A 243 -12.05 11.83 7.41
CA HIS A 243 -11.89 12.46 6.10
C HIS A 243 -11.91 11.38 5.02
N ARG A 244 -12.83 11.51 4.08
CA ARG A 244 -12.86 10.60 2.95
C ARG A 244 -11.59 10.74 2.12
N ARG A 245 -11.13 9.62 1.56
CA ARG A 245 -9.85 9.63 0.88
C ARG A 245 -9.69 8.37 0.05
N SER A 246 -9.06 8.51 -1.10
N SER A 246 -9.06 8.51 -1.10
CA SER A 246 -8.64 7.38 -1.92
CA SER A 246 -8.66 7.39 -1.94
C SER A 246 -7.17 7.57 -2.26
C SER A 246 -7.19 7.59 -2.31
N ALA A 247 -6.55 6.50 -2.76
CA ALA A 247 -5.12 6.50 -3.05
C ALA A 247 -4.32 6.95 -1.82
N LEU A 248 -4.69 6.42 -0.68
CA LEU A 248 -4.08 6.77 0.59
C LEU A 248 -2.96 5.79 0.92
N GLY A 249 -2.03 6.24 1.76
CA GLY A 249 -1.08 5.36 2.37
C GLY A 249 -1.64 4.78 3.65
N ILE A 250 -1.15 3.61 4.03
CA ILE A 250 -1.68 2.93 5.22
C ILE A 250 -0.58 2.05 5.81
N THR A 251 -0.56 1.95 7.13
CA THR A 251 0.29 0.98 7.80
C THR A 251 -0.29 0.72 9.19
N VAL A 252 0.32 -0.25 9.88
CA VAL A 252 -0.05 -0.58 11.24
C VAL A 252 1.19 -0.39 12.11
N HIS A 253 0.99 0.21 13.28
CA HIS A 253 2.08 0.43 14.21
C HIS A 253 1.53 0.36 15.63
N GLN A 254 2.10 -0.53 16.43
CA GLN A 254 1.75 -0.71 17.83
C GLN A 254 0.23 -0.85 18.03
N GLY A 255 -0.37 -1.71 17.21
CA GLY A 255 -1.76 -2.07 17.37
C GLY A 255 -2.76 -1.09 16.82
N ARG A 256 -2.32 -0.08 16.06
CA ARG A 256 -3.20 0.94 15.52
C ARG A 256 -2.96 1.08 14.03
N ILE A 257 -4.01 1.46 13.31
CA ILE A 257 -3.93 1.71 11.87
C ILE A 257 -3.68 3.20 11.65
N TYR A 258 -2.72 3.52 10.78
CA TYR A 258 -2.46 4.90 10.38
C TYR A 258 -2.76 5.03 8.90
N VAL A 259 -3.58 6.02 8.54
CA VAL A 259 -3.84 6.37 7.14
C VAL A 259 -3.21 7.72 6.86
N LEU A 260 -2.59 7.85 5.69
CA LEU A 260 -1.79 9.02 5.36
C LEU A 260 -2.19 9.57 4.00
N GLY A 261 -2.62 10.82 3.97
CA GLY A 261 -2.82 11.51 2.71
C GLY A 261 -3.95 10.93 1.88
N GLY A 262 -3.82 11.07 0.57
CA GLY A 262 -4.82 10.63 -0.37
C GLY A 262 -5.46 11.79 -1.11
N TYR A 263 -6.52 11.47 -1.83
CA TYR A 263 -7.26 12.42 -2.65
C TYR A 263 -8.74 12.23 -2.41
N ASP A 264 -9.47 13.35 -2.27
CA ASP A 264 -10.90 13.29 -1.94
C ASP A 264 -11.78 13.91 -3.01
N GLY A 265 -11.25 14.12 -4.22
CA GLY A 265 -12.00 14.78 -5.27
C GLY A 265 -11.89 16.29 -5.27
N HIS A 266 -11.36 16.88 -4.20
CA HIS A 266 -11.21 18.33 -4.09
C HIS A 266 -9.83 18.76 -3.60
N THR A 267 -9.12 17.93 -2.84
CA THR A 267 -7.86 18.32 -2.23
C THR A 267 -6.96 17.09 -2.14
N PHE A 268 -5.66 17.32 -2.22
CA PHE A 268 -4.66 16.32 -1.88
C PHE A 268 -4.37 16.45 -0.39
N LEU A 269 -4.74 15.42 0.37
CA LEU A 269 -4.77 15.53 1.82
C LEU A 269 -3.37 15.43 2.41
N ASP A 270 -3.14 16.22 3.46
CA ASP A 270 -1.99 16.02 4.34
C ASP A 270 -2.38 15.36 5.65
N SER A 271 -3.67 15.07 5.83
CA SER A 271 -4.17 14.52 7.10
C SER A 271 -3.66 13.11 7.33
N VAL A 272 -3.32 12.83 8.58
CA VAL A 272 -2.98 11.49 9.05
C VAL A 272 -3.94 11.17 10.19
N GLU A 273 -4.67 10.05 10.06
CA GLU A 273 -5.59 9.60 11.08
C GLU A 273 -5.12 8.26 11.64
N CYS A 274 -5.51 7.97 12.88
CA CYS A 274 -5.07 6.79 13.58
C CYS A 274 -6.29 6.08 14.18
N TYR A 275 -6.42 4.79 13.89
CA TYR A 275 -7.56 3.99 14.34
C TYR A 275 -7.15 3.12 15.53
N ASP A 276 -7.92 3.21 16.61
CA ASP A 276 -7.74 2.35 17.78
C ASP A 276 -8.83 1.29 17.77
N PRO A 277 -8.50 0.01 17.55
CA PRO A 277 -9.55 -1.01 17.47
C PRO A 277 -10.25 -1.29 18.80
N ASP A 278 -9.59 -1.02 19.94
CA ASP A 278 -10.24 -1.29 21.22
C ASP A 278 -11.36 -0.29 21.50
N THR A 279 -11.22 0.95 21.05
CA THR A 279 -12.25 1.97 21.21
C THR A 279 -13.07 2.19 19.95
N ASP A 280 -12.65 1.63 18.81
CA ASP A 280 -13.35 1.83 17.54
C ASP A 280 -13.48 3.31 17.21
N THR A 281 -12.37 4.04 17.32
CA THR A 281 -12.36 5.48 17.11
C THR A 281 -11.15 5.88 16.27
N TRP A 282 -11.34 6.86 15.41
CA TRP A 282 -10.26 7.47 14.65
C TRP A 282 -9.88 8.80 15.28
N SER A 283 -8.59 9.10 15.28
CA SER A 283 -8.08 10.35 15.83
C SER A 283 -7.07 10.96 14.87
N GLU A 284 -7.08 12.28 14.75
CA GLU A 284 -6.08 12.98 13.95
C GLU A 284 -4.81 13.12 14.78
N VAL A 285 -3.69 12.63 14.25
CA VAL A 285 -2.44 12.55 15.00
C VAL A 285 -1.42 13.58 14.53
N THR A 286 -1.37 13.86 13.24
CA THR A 286 -0.38 14.76 12.68
C THR A 286 -0.81 15.10 11.26
N ARG A 287 -0.05 15.99 10.64
CA ARG A 287 -0.19 16.29 9.22
C ARG A 287 1.13 16.03 8.53
N MET A 288 1.06 15.50 7.31
CA MET A 288 2.26 15.39 6.49
C MET A 288 2.76 16.79 6.14
N THR A 289 4.03 16.85 5.72
CA THR A 289 4.62 18.14 5.39
C THR A 289 3.92 18.82 4.22
N SER A 290 3.25 18.06 3.36
CA SER A 290 2.46 18.59 2.27
C SER A 290 1.49 17.51 1.80
N GLY A 291 0.37 17.94 1.24
CA GLY A 291 -0.64 17.00 0.78
C GLY A 291 -0.17 16.24 -0.45
N ARG A 292 -0.51 14.96 -0.51
CA ARG A 292 -0.08 14.10 -1.61
C ARG A 292 -0.92 12.83 -1.58
N SER A 293 -1.00 12.18 -2.74
CA SER A 293 -1.69 10.90 -2.89
C SER A 293 -0.75 9.87 -3.48
N GLY A 294 -1.18 8.62 -3.44
CA GLY A 294 -0.43 7.56 -4.11
C GLY A 294 0.95 7.28 -3.53
N VAL A 295 1.08 7.32 -2.21
CA VAL A 295 2.36 7.09 -1.56
C VAL A 295 2.52 5.61 -1.25
N GLY A 296 3.77 5.23 -0.98
CA GLY A 296 4.08 3.92 -0.40
C GLY A 296 4.52 4.12 1.04
N VAL A 297 4.03 3.24 1.92
CA VAL A 297 4.23 3.40 3.36
C VAL A 297 4.67 2.07 3.96
N ALA A 298 5.62 2.12 4.89
CA ALA A 298 6.01 0.95 5.66
C ALA A 298 6.70 1.40 6.94
N VAL A 299 6.84 0.47 7.88
CA VAL A 299 7.43 0.73 9.19
C VAL A 299 8.73 -0.04 9.31
N THR A 300 9.79 0.65 9.73
CA THR A 300 11.03 0.00 10.10
C THR A 300 11.78 0.90 11.09
N MET A 301 12.98 0.49 11.46
CA MET A 301 13.74 1.22 12.48
C MET A 301 14.17 2.59 11.98
N GLU A 302 14.40 3.49 12.94
CA GLU A 302 14.80 4.85 12.63
C GLU A 302 16.21 4.86 12.04
N PRO A 303 16.53 5.85 11.21
CA PRO A 303 17.86 5.93 10.62
C PRO A 303 18.88 6.46 11.61
N CYS A 304 20.15 6.41 11.20
CA CYS A 304 21.24 6.89 12.02
C CYS A 304 21.58 8.35 11.68
C1 T6I B . -8.15 4.30 -10.13
C2 T6I B . -8.08 4.78 -8.66
C3 T6I B . -9.58 4.17 -10.66
C5 T6I B . -9.04 6.62 -7.32
C6 T6I B . -6.67 4.82 -8.06
C7 T6I B . -8.46 10.08 -8.54
C10 T6I B . -8.39 9.04 -7.59
C11 T6I B . -9.55 8.07 -7.40
C12 T6I B . -6.21 3.78 -7.23
C13 T6I B . -5.82 5.90 -8.31
C14 T6I B . -6.19 9.82 -6.94
C16 T6I B . -7.25 8.93 -6.79
C17 T6I B . -4.54 5.95 -7.75
C18 T6I B . -4.93 3.83 -6.67
C19 T6I B . -4.08 4.91 -6.93
C20 T6I B . -2.70 4.95 -6.33
C21 T6I B . -7.53 2.90 -10.30
C23 T6I B . -7.40 10.98 -8.69
C24 T6I B . -6.25 10.85 -7.89
C25 T6I B . -5.08 11.80 -8.02
C26 T6I B . -5.11 12.63 -9.29
C27 T6I B . -6.51 13.20 -9.53
C28 T6I B . -7.51 12.07 -9.73
F22 T6I B . -10.33 8.39 -6.32
N4 T6I B . -8.68 6.08 -8.52
O15 T6I B . -10.37 3.44 -9.99
O8 T6I B . -9.82 4.83 -11.72
O9 T6I B . -8.95 6.01 -6.26
S SO4 C . -0.16 -29.12 0.69
O1 SO4 C . -0.09 -28.95 -0.77
O2 SO4 C . -1.28 -28.36 1.22
O3 SO4 C . 1.07 -28.67 1.30
O4 SO4 C . -0.36 -30.54 0.99
S SO4 D . -6.81 -5.62 -20.35
O1 SO4 D . -7.91 -4.94 -19.65
O2 SO4 D . -6.76 -5.14 -21.73
O3 SO4 D . -7.04 -7.06 -20.35
O4 SO4 D . -5.54 -5.33 -19.69
S SO4 E . 12.28 15.48 -8.62
O1 SO4 E . 11.27 14.83 -7.79
O2 SO4 E . 11.78 15.61 -9.98
O3 SO4 E . 12.55 16.82 -8.08
O4 SO4 E . 13.51 14.70 -8.62
S SO4 F . 5.29 -2.36 15.17
O1 SO4 F . 3.99 -2.24 15.84
O2 SO4 F . 5.26 -3.48 14.24
O3 SO4 F . 6.33 -2.56 16.15
O4 SO4 F . 5.55 -1.12 14.42
S SO4 G . 15.83 -15.52 -0.81
O1 SO4 G . 14.53 -16.05 -1.20
O2 SO4 G . 16.71 -15.47 -1.97
O3 SO4 G . 16.42 -16.39 0.22
O4 SO4 G . 15.65 -14.18 -0.26
S SO4 H . 10.25 -16.62 -14.33
O1 SO4 H . 10.27 -17.04 -15.73
O2 SO4 H . 9.15 -15.68 -14.13
O3 SO4 H . 10.05 -17.79 -13.47
O4 SO4 H . 11.51 -15.98 -13.99
#